data_3WYJ
#
_entry.id   3WYJ
#
_cell.length_a   63.712
_cell.length_b   68.995
_cell.length_c   108.885
_cell.angle_alpha   90.00
_cell.angle_beta   90.00
_cell.angle_gamma   90.00
#
_symmetry.space_group_name_H-M   'P 21 21 21'
#
loop_
_entity.id
_entity.type
_entity.pdbx_description
1 polymer 'Ditrans,polycis-undecaprenyl-diphosphate synthase ((2E,6E)-farnesyl-diphosphate specific)'
2 non-polymer '[1-oxidanyl-2-[3-[3-[[3-[[3-[3-(2-oxidanyl-2,2-diphosphono-ethyl)phenyl]phenyl]sulfamoyl]phenyl]sulfonylamino]phenyl]phenyl]-1-phosphono-ethyl]phosphonic acid'
3 water water
#
_entity_poly.entity_id   1
_entity_poly.type   'polypeptide(L)'
_entity_poly.pdbx_seq_one_letter_code
;MMLSATQPLSEKLPAHGCRHVAIIMDGNGRWAKKQGKIRAFGHKAGAKSVRRAVSFAANNGIEALTLYAFSSENWNRPAQ
EVSALMELFVWALDSEVKSLHRHNVRLRIIGDTSRFNSRLQERIRKSEALTAGNTGLTLNIAANYGGRWDIVQGVRQLAE
KVQQGNLQPDQIDEEMLNQHVCMHELAPVDLVIRTGGEHRISNFLLWQIAYAELYFTDVLWPDFDEQDFEGALNAFANRE
RRFGGTEPGDETA
;
_entity_poly.pdbx_strand_id   A,B
#
loop_
_chem_comp.id
_chem_comp.type
_chem_comp.name
_chem_comp.formula
H78 non-polymer '[1-oxidanyl-2-[3-[3-[[3-[[3-[3-(2-oxidanyl-2,2-diphosphono-ethyl)phenyl]phenyl]sulfamoyl]phenyl]sulfonylamino]phenyl]phenyl]-1-phosphono-ethyl]phosphonic acid' 'C34 H36 N2 O18 P4 S2'
#
# COMPACT_ATOMS: atom_id res chain seq x y z
N PRO A 14 -2.99 -18.74 17.07
CA PRO A 14 -1.59 -18.97 16.63
C PRO A 14 -1.50 -19.95 15.47
N ALA A 15 -2.42 -20.91 15.41
CA ALA A 15 -2.42 -21.91 14.35
C ALA A 15 -2.41 -21.25 12.98
N HIS A 16 -3.15 -20.14 12.86
CA HIS A 16 -3.22 -19.41 11.60
C HIS A 16 -1.97 -18.57 11.35
N GLY A 17 -1.13 -18.43 12.38
CA GLY A 17 0.09 -17.68 12.24
C GLY A 17 -0.12 -16.21 11.96
N CYS A 18 -1.35 -15.74 12.13
CA CYS A 18 -1.68 -14.34 11.88
C CYS A 18 -1.66 -13.56 13.19
N ARG A 19 -0.69 -12.66 13.31
CA ARG A 19 -0.55 -11.87 14.53
C ARG A 19 -1.29 -10.54 14.50
N HIS A 20 -1.27 -9.88 13.35
CA HIS A 20 -1.92 -8.58 13.24
C HIS A 20 -2.81 -8.50 12.01
N VAL A 21 -4.09 -8.20 12.24
CA VAL A 21 -5.07 -8.07 11.18
C VAL A 21 -5.60 -6.65 11.11
N ALA A 22 -5.64 -6.07 9.90
CA ALA A 22 -6.17 -4.72 9.68
C ALA A 22 -7.39 -4.88 8.78
N ILE A 23 -8.46 -4.16 9.09
CA ILE A 23 -9.68 -4.29 8.30
C ILE A 23 -10.28 -2.97 7.82
N ILE A 24 -10.52 -2.89 6.52
CA ILE A 24 -11.18 -1.71 5.98
C ILE A 24 -12.62 -2.14 5.95
N MET A 25 -13.41 -1.59 6.86
CA MET A 25 -14.81 -1.93 6.96
C MET A 25 -15.59 -1.08 5.98
N ASP A 26 -16.36 -1.72 5.11
CA ASP A 26 -17.15 -0.99 4.12
C ASP A 26 -18.37 -1.78 3.66
N GLY A 27 -19.40 -1.04 3.27
CA GLY A 27 -20.62 -1.67 2.78
C GLY A 27 -21.85 -1.51 3.63
N ASN A 28 -21.76 -0.76 4.73
CA ASN A 28 -22.91 -0.58 5.61
C ASN A 28 -24.06 0.14 4.92
N GLY A 29 -23.74 1.18 4.16
CA GLY A 29 -24.78 1.94 3.48
C GLY A 29 -25.45 1.12 2.40
N ARG A 30 -24.64 0.39 1.65
CA ARG A 30 -25.17 -0.45 0.58
C ARG A 30 -26.07 -1.52 1.18
N TRP A 31 -25.61 -2.08 2.30
CA TRP A 31 -26.35 -3.12 3.02
C TRP A 31 -27.74 -2.64 3.41
N ALA A 32 -27.82 -1.43 3.96
CA ALA A 32 -29.09 -0.86 4.38
C ALA A 32 -29.98 -0.55 3.18
N LYS A 33 -29.38 0.01 2.13
CA LYS A 33 -30.12 0.35 0.92
C LYS A 33 -30.82 -0.85 0.31
N LYS A 34 -30.13 -1.98 0.25
CA LYS A 34 -30.69 -3.22 -0.30
C LYS A 34 -31.98 -3.63 0.40
N GLN A 35 -32.12 -3.24 1.66
CA GLN A 35 -33.29 -3.58 2.44
C GLN A 35 -34.26 -2.41 2.53
N GLY A 36 -34.04 -1.39 1.71
CA GLY A 36 -34.91 -0.23 1.75
C GLY A 36 -34.89 0.43 3.11
N LYS A 37 -33.72 0.43 3.76
CA LYS A 37 -33.55 1.03 5.08
C LYS A 37 -32.62 2.23 5.02
N ILE A 38 -32.69 3.08 6.04
CA ILE A 38 -31.86 4.27 6.10
C ILE A 38 -30.46 4.00 6.68
N ARG A 39 -29.58 4.97 6.53
CA ARG A 39 -28.20 4.91 7.01
C ARG A 39 -28.07 4.41 8.45
N ALA A 40 -28.84 5.02 9.36
CA ALA A 40 -28.82 4.64 10.76
C ALA A 40 -28.91 3.14 10.94
N PHE A 41 -29.68 2.49 10.08
CA PHE A 41 -29.86 1.05 10.15
C PHE A 41 -28.55 0.33 9.81
N GLY A 42 -27.87 0.81 8.76
CA GLY A 42 -26.61 0.20 8.36
C GLY A 42 -25.52 0.44 9.40
N HIS A 43 -25.48 1.64 9.95
CA HIS A 43 -24.50 2.00 10.97
C HIS A 43 -24.69 1.15 12.21
N LYS A 44 -25.95 0.93 12.57
CA LYS A 44 -26.29 0.13 13.73
C LYS A 44 -25.80 -1.30 13.49
N ALA A 45 -26.07 -1.80 12.28
CA ALA A 45 -25.65 -3.16 11.92
C ALA A 45 -24.13 -3.23 11.89
N GLY A 46 -23.50 -2.18 11.39
CA GLY A 46 -22.04 -2.14 11.34
C GLY A 46 -21.37 -2.21 12.69
N ALA A 47 -21.89 -1.44 13.66
CA ALA A 47 -21.33 -1.43 15.01
C ALA A 47 -21.40 -2.82 15.61
N LYS A 48 -22.50 -3.52 15.33
CA LYS A 48 -22.68 -4.87 15.83
C LYS A 48 -21.61 -5.77 15.24
N SER A 49 -21.32 -5.57 13.96
CA SER A 49 -20.31 -6.37 13.28
C SER A 49 -18.92 -6.05 13.84
N VAL A 50 -18.73 -4.80 14.26
CA VAL A 50 -17.46 -4.37 14.85
C VAL A 50 -17.23 -5.13 16.16
N ARG A 51 -18.26 -5.24 17.00
CA ARG A 51 -18.13 -5.94 18.27
C ARG A 51 -17.86 -7.42 18.05
N ARG A 52 -18.54 -7.98 17.06
CA ARG A 52 -18.41 -9.39 16.72
C ARG A 52 -16.99 -9.70 16.26
N ALA A 53 -16.42 -8.80 15.47
CA ALA A 53 -15.05 -8.98 14.95
C ALA A 53 -14.01 -8.83 16.08
N VAL A 54 -14.24 -7.88 16.97
CA VAL A 54 -13.32 -7.65 18.09
C VAL A 54 -13.33 -8.88 19.00
N SER A 55 -14.52 -9.37 19.34
CA SER A 55 -14.63 -10.55 20.19
C SER A 55 -13.99 -11.76 19.54
N PHE A 56 -14.22 -11.92 18.24
CA PHE A 56 -13.65 -13.04 17.52
C PHE A 56 -12.13 -13.01 17.61
N ALA A 57 -11.54 -11.84 17.34
CA ALA A 57 -10.09 -11.70 17.37
C ALA A 57 -9.50 -12.01 18.73
N ALA A 58 -10.12 -11.48 19.78
CA ALA A 58 -9.66 -11.70 21.14
C ALA A 58 -9.74 -13.16 21.56
N ASN A 59 -10.71 -13.89 21.00
CA ASN A 59 -10.88 -15.30 21.34
C ASN A 59 -10.15 -16.23 20.38
N ASN A 60 -9.38 -15.65 19.46
CA ASN A 60 -8.66 -16.47 18.48
C ASN A 60 -7.17 -16.23 18.43
N GLY A 61 -6.60 -15.81 19.56
CA GLY A 61 -5.17 -15.59 19.64
C GLY A 61 -4.54 -14.48 18.82
N ILE A 62 -5.35 -13.59 18.25
CA ILE A 62 -4.80 -12.49 17.45
C ILE A 62 -4.24 -11.45 18.40
N GLU A 63 -3.04 -10.96 18.09
CA GLU A 63 -2.37 -9.97 18.91
C GLU A 63 -2.87 -8.54 18.68
N ALA A 64 -3.17 -8.21 17.44
CA ALA A 64 -3.64 -6.86 17.15
C ALA A 64 -4.66 -6.77 16.04
N LEU A 65 -5.67 -5.94 16.27
CA LEU A 65 -6.72 -5.69 15.30
C LEU A 65 -6.79 -4.19 15.06
N THR A 66 -6.66 -3.78 13.81
CA THR A 66 -6.70 -2.37 13.44
C THR A 66 -7.91 -2.18 12.52
N LEU A 67 -8.84 -1.32 12.94
CA LEU A 67 -10.06 -1.08 12.17
C LEU A 67 -10.14 0.31 11.53
N TYR A 68 -10.57 0.34 10.28
CA TYR A 68 -10.71 1.57 9.52
C TYR A 68 -12.10 1.63 8.88
N ALA A 69 -12.88 2.62 9.30
CA ALA A 69 -14.22 2.78 8.74
C ALA A 69 -14.13 3.55 7.43
N PHE A 70 -14.39 2.87 6.31
CA PHE A 70 -14.33 3.53 5.02
C PHE A 70 -15.64 4.26 4.71
N SER A 71 -15.53 5.49 4.23
CA SER A 71 -16.68 6.30 3.88
C SER A 71 -16.37 7.10 2.62
N SER A 72 -17.30 7.09 1.67
CA SER A 72 -17.13 7.82 0.42
C SER A 72 -17.01 9.32 0.69
N PRO A 78 -15.95 17.29 3.20
CA PRO A 78 -16.41 18.33 4.12
C PRO A 78 -15.48 18.51 5.32
N ALA A 79 -15.61 19.64 6.00
CA ALA A 79 -14.78 19.93 7.17
C ALA A 79 -15.63 20.18 8.41
N GLN A 80 -16.93 20.43 8.21
CA GLN A 80 -17.83 20.68 9.34
C GLN A 80 -18.35 19.34 9.86
N GLU A 81 -18.53 18.39 8.95
CA GLU A 81 -19.03 17.06 9.29
C GLU A 81 -18.06 16.29 10.18
N VAL A 82 -16.78 16.33 9.84
CA VAL A 82 -15.76 15.63 10.60
C VAL A 82 -15.83 15.97 12.09
N SER A 83 -15.88 17.26 12.40
CA SER A 83 -15.94 17.72 13.78
C SER A 83 -17.12 17.06 14.50
N ALA A 84 -18.20 16.83 13.76
CA ALA A 84 -19.38 16.21 14.34
C ALA A 84 -19.18 14.70 14.50
N LEU A 85 -18.55 14.09 13.50
CA LEU A 85 -18.29 12.65 13.54
C LEU A 85 -17.41 12.25 14.71
N MET A 86 -16.34 13.01 14.93
CA MET A 86 -15.44 12.71 16.03
C MET A 86 -16.12 12.89 17.38
N GLU A 87 -17.19 13.68 17.40
CA GLU A 87 -17.93 13.88 18.64
C GLU A 87 -18.65 12.57 18.90
N LEU A 88 -19.25 12.03 17.84
CA LEU A 88 -19.98 10.77 17.90
C LEU A 88 -18.98 9.68 18.27
N PHE A 89 -17.84 9.72 17.61
CA PHE A 89 -16.77 8.76 17.83
C PHE A 89 -16.42 8.65 19.30
N VAL A 90 -15.95 9.75 19.88
CA VAL A 90 -15.55 9.78 21.28
C VAL A 90 -16.69 9.43 22.23
N TRP A 91 -17.88 9.94 21.95
CA TRP A 91 -19.03 9.65 22.81
C TRP A 91 -19.32 8.15 22.81
N ALA A 92 -19.18 7.53 21.64
CA ALA A 92 -19.42 6.10 21.49
C ALA A 92 -18.28 5.34 22.17
N LEU A 93 -17.08 5.90 22.11
CA LEU A 93 -15.91 5.28 22.71
C LEU A 93 -16.05 5.16 24.22
N ASP A 94 -16.44 6.25 24.87
CA ASP A 94 -16.61 6.28 26.31
C ASP A 94 -17.41 5.09 26.84
N SER A 95 -18.44 4.68 26.10
CA SER A 95 -19.27 3.56 26.52
C SER A 95 -18.63 2.21 26.20
N GLU A 96 -17.98 2.14 25.04
CA GLU A 96 -17.34 0.91 24.59
C GLU A 96 -16.11 0.54 25.42
N VAL A 97 -15.39 1.54 25.88
CA VAL A 97 -14.18 1.34 26.68
C VAL A 97 -14.40 0.43 27.88
N LYS A 98 -15.54 0.60 28.55
CA LYS A 98 -15.86 -0.22 29.71
C LYS A 98 -15.80 -1.69 29.31
N SER A 99 -16.55 -2.01 28.26
CA SER A 99 -16.63 -3.36 27.74
C SER A 99 -15.27 -3.88 27.29
N LEU A 100 -14.55 -3.06 26.53
CA LEU A 100 -13.23 -3.45 26.04
C LEU A 100 -12.33 -3.80 27.21
N HIS A 101 -12.28 -2.91 28.20
CA HIS A 101 -11.47 -3.11 29.39
C HIS A 101 -11.90 -4.42 30.06
N ARG A 102 -13.20 -4.64 30.12
CA ARG A 102 -13.77 -5.85 30.73
C ARG A 102 -13.32 -7.12 30.01
N HIS A 103 -13.13 -7.03 28.70
CA HIS A 103 -12.70 -8.19 27.91
C HIS A 103 -11.19 -8.27 27.81
N ASN A 104 -10.52 -7.45 28.60
CA ASN A 104 -9.06 -7.44 28.63
C ASN A 104 -8.38 -6.95 27.36
N VAL A 105 -9.02 -6.00 26.68
CA VAL A 105 -8.47 -5.44 25.44
C VAL A 105 -7.73 -4.13 25.68
N ARG A 106 -6.67 -3.91 24.91
CA ARG A 106 -5.88 -2.69 25.02
C ARG A 106 -6.27 -1.78 23.86
N LEU A 107 -6.84 -0.63 24.18
CA LEU A 107 -7.29 0.31 23.16
C LEU A 107 -6.32 1.41 22.76
N ARG A 108 -6.21 1.65 21.46
CA ARG A 108 -5.35 2.68 20.93
C ARG A 108 -6.06 3.37 19.77
N ILE A 109 -5.95 4.69 19.70
CA ILE A 109 -6.55 5.43 18.62
C ILE A 109 -5.44 5.97 17.73
N ILE A 110 -5.51 5.67 16.44
CA ILE A 110 -4.50 6.16 15.50
C ILE A 110 -5.17 7.10 14.51
N GLY A 111 -4.48 8.20 14.20
CA GLY A 111 -5.02 9.17 13.28
C GLY A 111 -4.64 10.56 13.74
N ASP A 112 -4.97 11.57 12.94
CA ASP A 112 -4.64 12.94 13.29
C ASP A 112 -5.67 13.49 14.28
N THR A 113 -5.37 13.35 15.57
CA THR A 113 -6.27 13.81 16.62
C THR A 113 -5.83 15.17 17.16
N SER A 114 -4.88 15.79 16.47
CA SER A 114 -4.34 17.09 16.87
C SER A 114 -5.36 18.22 16.83
N ARG A 115 -6.23 18.22 15.84
CA ARG A 115 -7.23 19.27 15.71
C ARG A 115 -8.54 18.97 16.45
N PHE A 116 -8.49 18.02 17.38
CA PHE A 116 -9.65 17.67 18.19
C PHE A 116 -9.60 18.60 19.40
N ASN A 117 -10.77 19.01 19.89
CA ASN A 117 -10.77 19.89 21.06
C ASN A 117 -10.14 19.12 22.21
N SER A 118 -9.54 19.83 23.14
CA SER A 118 -8.87 19.21 24.27
C SER A 118 -9.73 18.28 25.13
N ARG A 119 -11.04 18.52 25.15
CA ARG A 119 -11.92 17.67 25.94
C ARG A 119 -11.98 16.25 25.38
N LEU A 120 -12.71 16.08 24.28
CA LEU A 120 -12.84 14.77 23.65
C LEU A 120 -11.48 14.18 23.32
N GLN A 121 -10.44 15.00 23.43
CA GLN A 121 -9.08 14.55 23.16
C GLN A 121 -8.46 13.99 24.43
N GLU A 122 -9.05 14.35 25.57
CA GLU A 122 -8.58 13.85 26.87
C GLU A 122 -9.29 12.52 27.14
N ARG A 123 -10.52 12.42 26.66
CA ARG A 123 -11.30 11.19 26.85
C ARG A 123 -10.53 10.07 26.17
N ILE A 124 -10.14 10.30 24.93
CA ILE A 124 -9.38 9.32 24.16
C ILE A 124 -8.16 8.93 24.97
N ARG A 125 -7.42 9.93 25.42
CA ARG A 125 -6.21 9.74 26.21
C ARG A 125 -6.48 8.86 27.42
N LYS A 126 -7.56 9.15 28.15
CA LYS A 126 -7.91 8.37 29.34
C LYS A 126 -8.37 6.96 29.00
N SER A 127 -9.04 6.82 27.86
CA SER A 127 -9.52 5.51 27.43
C SER A 127 -8.31 4.60 27.18
N GLU A 128 -7.27 5.18 26.59
CA GLU A 128 -6.04 4.45 26.29
C GLU A 128 -5.26 4.12 27.56
N ALA A 129 -5.12 5.11 28.43
CA ALA A 129 -4.40 4.90 29.68
C ALA A 129 -5.05 3.79 30.49
N LEU A 130 -6.37 3.82 30.55
CA LEU A 130 -7.15 2.83 31.28
C LEU A 130 -6.93 1.38 30.84
N THR A 131 -6.76 1.16 29.54
CA THR A 131 -6.60 -0.19 29.02
C THR A 131 -5.17 -0.62 28.66
N ALA A 132 -4.22 0.31 28.75
CA ALA A 132 -2.82 0.02 28.43
C ALA A 132 -2.23 -1.24 29.09
N GLY A 133 -2.64 -1.53 30.32
CA GLY A 133 -2.09 -2.70 31.00
C GLY A 133 -2.75 -4.04 30.73
N ASN A 134 -3.74 -4.08 29.84
CA ASN A 134 -4.39 -5.35 29.56
C ASN A 134 -3.47 -6.31 28.79
N THR A 135 -3.73 -7.60 28.94
CA THR A 135 -2.91 -8.63 28.30
C THR A 135 -3.60 -9.35 27.15
N GLY A 136 -4.75 -8.85 26.73
CA GLY A 136 -5.45 -9.47 25.64
C GLY A 136 -5.19 -8.74 24.34
N LEU A 137 -6.16 -8.82 23.44
CA LEU A 137 -6.09 -8.17 22.13
C LEU A 137 -5.78 -6.67 22.21
N THR A 138 -4.94 -6.20 21.30
CA THR A 138 -4.62 -4.78 21.22
C THR A 138 -5.48 -4.29 20.03
N LEU A 139 -6.41 -3.38 20.31
CA LEU A 139 -7.31 -2.85 19.29
C LEU A 139 -7.01 -1.41 18.86
N ASN A 140 -6.66 -1.24 17.59
CA ASN A 140 -6.36 0.08 17.05
C ASN A 140 -7.53 0.58 16.20
N ILE A 141 -8.10 1.72 16.58
CA ILE A 141 -9.21 2.28 15.82
C ILE A 141 -8.73 3.53 15.13
N ALA A 142 -8.93 3.58 13.81
CA ALA A 142 -8.51 4.72 13.01
C ALA A 142 -9.56 5.80 13.05
N ALA A 143 -9.12 7.03 13.29
CA ALA A 143 -10.01 8.17 13.34
C ALA A 143 -9.27 9.31 12.67
N ASN A 144 -9.83 9.82 11.58
CA ASN A 144 -9.19 10.88 10.85
C ASN A 144 -7.77 10.40 10.57
N TYR A 145 -7.67 9.20 10.02
CA TYR A 145 -6.37 8.60 9.72
C TYR A 145 -6.09 8.56 8.23
N GLY A 146 -4.81 8.70 7.88
CA GLY A 146 -4.40 8.64 6.49
C GLY A 146 -3.03 7.98 6.46
N GLY A 147 -2.81 7.12 5.47
CA GLY A 147 -1.54 6.43 5.35
C GLY A 147 -0.41 7.40 5.08
N ARG A 148 -0.66 8.36 4.20
CA ARG A 148 0.36 9.34 3.87
C ARG A 148 0.60 10.24 5.08
N TRP A 149 -0.48 10.61 5.77
CA TRP A 149 -0.37 11.44 6.97
C TRP A 149 0.52 10.73 8.00
N ASP A 150 0.28 9.43 8.17
CA ASP A 150 1.01 8.60 9.10
C ASP A 150 2.51 8.70 8.81
N ILE A 151 2.86 8.54 7.54
CA ILE A 151 4.24 8.63 7.11
C ILE A 151 4.81 10.03 7.38
N VAL A 152 4.02 11.07 7.05
CA VAL A 152 4.45 12.44 7.24
C VAL A 152 4.73 12.82 8.70
N GLN A 153 3.79 12.51 9.60
CA GLN A 153 3.99 12.82 11.01
C GLN A 153 5.25 12.13 11.53
N GLY A 154 5.57 10.99 10.94
CA GLY A 154 6.78 10.29 11.34
C GLY A 154 8.01 11.03 10.81
N VAL A 155 7.85 11.60 9.62
CA VAL A 155 8.94 12.36 8.99
C VAL A 155 9.24 13.64 9.76
N ARG A 156 8.20 14.31 10.24
CA ARG A 156 8.38 15.55 11.00
C ARG A 156 9.18 15.27 12.25
N GLN A 157 8.93 14.13 12.89
CA GLN A 157 9.64 13.75 14.10
C GLN A 157 11.13 13.65 13.80
N LEU A 158 11.47 12.95 12.72
CA LEU A 158 12.87 12.82 12.33
C LEU A 158 13.41 14.20 11.94
N ALA A 159 12.54 15.04 11.39
CA ALA A 159 12.92 16.38 10.96
C ALA A 159 13.28 17.26 12.16
N GLU A 160 12.59 17.06 13.28
CA GLU A 160 12.85 17.80 14.50
C GLU A 160 14.25 17.47 15.00
N LYS A 161 14.55 16.17 15.01
CA LYS A 161 15.84 15.70 15.48
C LYS A 161 16.98 16.17 14.58
N VAL A 162 16.68 16.44 13.32
CA VAL A 162 17.69 16.93 12.40
C VAL A 162 17.95 18.39 12.76
N GLN A 163 16.86 19.11 13.00
CA GLN A 163 16.93 20.52 13.36
C GLN A 163 17.64 20.73 14.69
N GLN A 164 17.53 19.77 15.61
CA GLN A 164 18.17 19.90 16.91
C GLN A 164 19.64 19.50 16.88
N GLY A 165 20.12 19.11 15.70
CA GLY A 165 21.53 18.76 15.55
C GLY A 165 22.06 17.41 15.95
N ASN A 166 21.20 16.43 16.21
CA ASN A 166 21.71 15.11 16.57
C ASN A 166 21.20 13.98 15.67
N LEU A 167 21.05 14.32 14.39
CA LEU A 167 20.60 13.37 13.39
C LEU A 167 20.98 13.90 12.01
N GLN A 168 21.90 13.20 11.34
CA GLN A 168 22.35 13.59 10.01
C GLN A 168 21.37 13.06 8.96
N PRO A 169 20.98 13.93 8.00
CA PRO A 169 20.04 13.54 6.94
C PRO A 169 20.34 12.18 6.33
N ASP A 170 21.61 11.95 6.03
CA ASP A 170 22.05 10.70 5.43
C ASP A 170 22.03 9.50 6.38
N GLN A 171 21.76 9.75 7.66
CA GLN A 171 21.70 8.67 8.64
C GLN A 171 20.32 8.05 8.67
N ILE A 172 19.37 8.71 8.02
CA ILE A 172 17.99 8.24 7.97
C ILE A 172 17.79 7.04 7.05
N ASP A 173 17.32 5.94 7.62
CA ASP A 173 17.05 4.74 6.84
C ASP A 173 15.66 4.22 7.14
N GLU A 174 15.27 3.13 6.49
CA GLU A 174 13.96 2.52 6.66
C GLU A 174 13.64 2.16 8.11
N GLU A 175 14.54 1.43 8.76
CA GLU A 175 14.29 1.03 10.12
C GLU A 175 14.03 2.21 11.03
N MET A 176 14.76 3.30 10.82
CA MET A 176 14.59 4.48 11.64
C MET A 176 13.18 5.06 11.44
N LEU A 177 12.79 5.27 10.19
CA LEU A 177 11.47 5.82 9.91
C LEU A 177 10.39 4.87 10.43
N ASN A 178 10.64 3.57 10.31
CA ASN A 178 9.70 2.56 10.77
C ASN A 178 9.36 2.74 12.23
N GLN A 179 10.34 3.22 13.01
CA GLN A 179 10.16 3.44 14.46
C GLN A 179 9.25 4.62 14.77
N HIS A 180 8.92 5.42 13.75
CA HIS A 180 8.08 6.59 13.96
C HIS A 180 6.71 6.57 13.29
N VAL A 181 6.33 5.43 12.74
CA VAL A 181 5.00 5.33 12.11
C VAL A 181 4.05 4.66 13.11
N CYS A 182 2.76 4.90 12.95
CA CYS A 182 1.78 4.32 13.85
C CYS A 182 1.93 2.80 13.96
N MET A 183 1.75 2.31 15.18
CA MET A 183 1.83 0.89 15.50
C MET A 183 3.22 0.26 15.33
N HIS A 184 4.27 1.07 15.42
CA HIS A 184 5.62 0.52 15.29
C HIS A 184 5.93 -0.48 16.41
N GLU A 185 5.33 -0.29 17.58
CA GLU A 185 5.58 -1.17 18.72
C GLU A 185 4.89 -2.53 18.59
N LEU A 186 3.98 -2.67 17.63
CA LEU A 186 3.26 -3.91 17.44
C LEU A 186 3.81 -4.81 16.35
N ALA A 187 3.32 -6.06 16.32
CA ALA A 187 3.72 -7.01 15.31
C ALA A 187 3.30 -6.43 13.97
N PRO A 188 4.13 -6.60 12.92
CA PRO A 188 3.79 -6.06 11.61
C PRO A 188 2.42 -6.56 11.15
N VAL A 189 1.74 -5.79 10.31
CA VAL A 189 0.43 -6.19 9.80
C VAL A 189 0.63 -7.41 8.90
N ASP A 190 -0.03 -8.51 9.24
CA ASP A 190 0.08 -9.75 8.46
C ASP A 190 -0.99 -9.86 7.38
N LEU A 191 -2.19 -9.39 7.73
CA LEU A 191 -3.34 -9.50 6.85
C LEU A 191 -4.23 -8.27 6.84
N VAL A 192 -4.56 -7.79 5.65
CA VAL A 192 -5.46 -6.65 5.49
C VAL A 192 -6.73 -7.20 4.83
N ILE A 193 -7.87 -6.90 5.41
CA ILE A 193 -9.14 -7.36 4.88
C ILE A 193 -9.98 -6.17 4.48
N ARG A 194 -10.53 -6.18 3.26
CA ARG A 194 -11.41 -5.10 2.87
C ARG A 194 -12.72 -5.69 2.41
N THR A 195 -13.78 -5.36 3.13
CA THR A 195 -15.11 -5.86 2.78
C THR A 195 -15.76 -4.82 1.86
N GLY A 196 -16.89 -5.19 1.25
CA GLY A 196 -17.57 -4.21 0.41
C GLY A 196 -17.36 -4.27 -1.08
N GLY A 197 -16.41 -5.08 -1.56
CA GLY A 197 -16.20 -5.19 -2.99
C GLY A 197 -15.13 -4.31 -3.65
N GLU A 198 -14.76 -3.19 -3.02
CA GLU A 198 -13.75 -2.31 -3.62
C GLU A 198 -12.34 -2.90 -3.43
N HIS A 199 -11.51 -2.83 -4.46
CA HIS A 199 -10.16 -3.38 -4.39
C HIS A 199 -9.06 -2.32 -4.33
N ARG A 200 -9.05 -1.56 -3.25
CA ARG A 200 -8.05 -0.53 -3.09
C ARG A 200 -7.80 -0.27 -1.63
N ILE A 201 -6.64 0.31 -1.34
CA ILE A 201 -6.24 0.62 0.03
C ILE A 201 -6.88 1.92 0.51
N SER A 202 -7.20 2.81 -0.42
CA SER A 202 -7.84 4.09 -0.08
C SER A 202 -7.12 4.91 0.99
N ASN A 203 -5.80 4.95 0.90
CA ASN A 203 -4.99 5.70 1.85
C ASN A 203 -5.17 5.27 3.31
N PHE A 204 -5.34 3.96 3.50
CA PHE A 204 -5.42 3.39 4.84
C PHE A 204 -3.94 3.14 5.08
N LEU A 205 -3.57 2.06 5.76
CA LEU A 205 -2.17 1.77 6.00
C LEU A 205 -1.42 1.64 4.67
N LEU A 206 -0.19 2.15 4.63
CA LEU A 206 0.63 2.07 3.42
C LEU A 206 2.01 1.52 3.77
N TRP A 207 2.73 2.25 4.61
CA TRP A 207 4.06 1.82 5.05
C TRP A 207 3.99 0.45 5.71
N GLN A 208 3.01 0.30 6.60
CA GLN A 208 2.83 -0.95 7.34
C GLN A 208 2.35 -2.16 6.55
N ILE A 209 1.89 -1.99 5.31
CA ILE A 209 1.44 -3.15 4.57
C ILE A 209 2.38 -3.61 3.46
N ALA A 210 3.62 -3.14 3.52
CA ALA A 210 4.63 -3.52 2.52
C ALA A 210 4.66 -5.02 2.25
N TYR A 211 4.48 -5.82 3.29
CA TYR A 211 4.54 -7.27 3.13
C TYR A 211 3.26 -8.03 3.53
N ALA A 212 2.19 -7.30 3.84
CA ALA A 212 0.96 -7.94 4.26
C ALA A 212 0.20 -8.67 3.15
N GLU A 213 -0.58 -9.65 3.56
CA GLU A 213 -1.41 -10.39 2.62
C GLU A 213 -2.64 -9.48 2.45
N LEU A 214 -3.10 -9.30 1.22
CA LEU A 214 -4.28 -8.47 0.98
C LEU A 214 -5.46 -9.35 0.60
N TYR A 215 -6.55 -9.23 1.36
CA TYR A 215 -7.73 -10.05 1.14
C TYR A 215 -8.99 -9.22 0.88
N PHE A 216 -9.52 -9.33 -0.33
CA PHE A 216 -10.71 -8.59 -0.73
C PHE A 216 -11.94 -9.48 -0.81
N THR A 217 -13.03 -9.06 -0.19
CA THR A 217 -14.28 -9.83 -0.23
C THR A 217 -15.45 -8.92 -0.52
N ASP A 218 -16.39 -9.42 -1.32
CA ASP A 218 -17.59 -8.65 -1.69
C ASP A 218 -18.60 -8.56 -0.56
N VAL A 219 -18.39 -9.35 0.49
CA VAL A 219 -19.31 -9.33 1.62
C VAL A 219 -19.37 -7.92 2.21
N LEU A 220 -20.58 -7.45 2.49
CA LEU A 220 -20.80 -6.13 3.06
C LEU A 220 -20.52 -6.21 4.57
N TRP A 221 -19.88 -5.20 5.13
CA TRP A 221 -19.51 -5.20 6.55
C TRP A 221 -20.53 -5.76 7.55
N PRO A 222 -21.82 -5.37 7.44
CA PRO A 222 -22.82 -5.89 8.39
C PRO A 222 -22.96 -7.42 8.37
N ASP A 223 -22.71 -8.04 7.21
CA ASP A 223 -22.81 -9.50 7.05
C ASP A 223 -21.50 -10.23 7.30
N PHE A 224 -20.42 -9.48 7.49
CA PHE A 224 -19.12 -10.10 7.74
C PHE A 224 -19.13 -10.66 9.16
N ASP A 225 -19.21 -11.98 9.30
CA ASP A 225 -19.25 -12.56 10.63
C ASP A 225 -18.04 -13.41 10.98
N GLU A 226 -18.15 -14.18 12.05
CA GLU A 226 -17.05 -15.01 12.51
C GLU A 226 -16.60 -16.01 11.46
N GLN A 227 -17.54 -16.59 10.72
CA GLN A 227 -17.17 -17.55 9.69
C GLN A 227 -16.43 -16.85 8.55
N ASP A 228 -16.76 -15.60 8.26
CA ASP A 228 -16.06 -14.88 7.20
C ASP A 228 -14.65 -14.55 7.67
N PHE A 229 -14.52 -14.14 8.93
CA PHE A 229 -13.21 -13.83 9.49
C PHE A 229 -12.34 -15.10 9.46
N GLU A 230 -12.93 -16.25 9.80
CA GLU A 230 -12.18 -17.50 9.80
C GLU A 230 -11.71 -17.85 8.39
N GLY A 231 -12.56 -17.58 7.41
CA GLY A 231 -12.21 -17.85 6.02
C GLY A 231 -10.99 -17.03 5.62
N ALA A 232 -10.98 -15.76 6.02
CA ALA A 232 -9.86 -14.88 5.71
C ALA A 232 -8.58 -15.41 6.35
N LEU A 233 -8.67 -15.85 7.60
CA LEU A 233 -7.49 -16.37 8.29
C LEU A 233 -7.02 -17.68 7.64
N ASN A 234 -7.96 -18.54 7.23
CA ASN A 234 -7.60 -19.80 6.59
C ASN A 234 -6.92 -19.53 5.25
N ALA A 235 -7.40 -18.53 4.54
CA ALA A 235 -6.83 -18.16 3.25
C ALA A 235 -5.41 -17.67 3.50
N PHE A 236 -5.24 -16.92 4.58
CA PHE A 236 -3.94 -16.40 4.95
C PHE A 236 -2.95 -17.52 5.28
N ALA A 237 -3.39 -18.46 6.12
CA ALA A 237 -2.54 -19.57 6.53
C ALA A 237 -2.09 -20.43 5.35
N ASN A 238 -3.00 -20.71 4.42
CA ASN A 238 -2.66 -21.52 3.26
C ASN A 238 -1.79 -20.77 2.24
N ARG A 239 -1.74 -19.44 2.36
CA ARG A 239 -0.94 -18.64 1.44
C ARG A 239 0.46 -18.34 1.98
N GLU A 240 1.48 -18.64 1.18
CA GLU A 240 2.87 -18.40 1.55
C GLU A 240 3.81 -18.87 0.45
N GLY B 17 -10.74 5.71 -17.51
CA GLY B 17 -9.53 6.12 -18.21
C GLY B 17 -8.25 5.75 -17.47
N CYS B 18 -7.75 4.54 -17.71
CA CYS B 18 -6.54 4.07 -17.06
C CYS B 18 -5.27 4.70 -17.66
N ARG B 19 -4.64 5.61 -16.92
CA ARG B 19 -3.45 6.31 -17.39
C ARG B 19 -2.10 5.72 -16.97
N HIS B 20 -2.04 5.08 -15.82
CA HIS B 20 -0.78 4.53 -15.32
C HIS B 20 -0.98 3.16 -14.68
N VAL B 21 -0.38 2.14 -15.30
CA VAL B 21 -0.45 0.77 -14.81
C VAL B 21 0.91 0.36 -14.27
N ALA B 22 0.91 -0.32 -13.13
CA ALA B 22 2.14 -0.79 -12.51
C ALA B 22 1.95 -2.29 -12.43
N ILE B 23 3.00 -3.04 -12.74
CA ILE B 23 2.89 -4.48 -12.73
C ILE B 23 3.93 -5.22 -11.93
N ILE B 24 3.48 -6.13 -11.08
CA ILE B 24 4.39 -6.96 -10.32
C ILE B 24 4.44 -8.27 -11.13
N MET B 25 5.49 -8.42 -11.90
CA MET B 25 5.64 -9.60 -12.75
C MET B 25 6.20 -10.70 -11.86
N ASP B 26 5.43 -11.78 -11.72
CA ASP B 26 5.87 -12.89 -10.89
C ASP B 26 5.38 -14.22 -11.48
N GLY B 27 6.15 -15.28 -11.26
CA GLY B 27 5.76 -16.59 -11.76
C GLY B 27 6.62 -17.22 -12.84
N ASN B 28 7.75 -16.59 -13.19
CA ASN B 28 8.62 -17.15 -14.22
C ASN B 28 9.19 -18.51 -13.83
N GLY B 29 9.75 -18.60 -12.62
CA GLY B 29 10.32 -19.85 -12.15
C GLY B 29 9.29 -20.96 -12.06
N ARG B 30 8.16 -20.66 -11.44
CA ARG B 30 7.09 -21.63 -11.28
C ARG B 30 6.59 -22.10 -12.64
N TRP B 31 6.55 -21.17 -13.58
CA TRP B 31 6.10 -21.48 -14.94
C TRP B 31 7.06 -22.49 -15.58
N ALA B 32 8.35 -22.27 -15.35
CA ALA B 32 9.38 -23.16 -15.90
C ALA B 32 9.23 -24.56 -15.36
N LYS B 33 9.04 -24.68 -14.05
CA LYS B 33 8.87 -25.99 -13.43
C LYS B 33 7.62 -26.70 -13.95
N LYS B 34 6.53 -25.97 -14.14
CA LYS B 34 5.29 -26.54 -14.65
C LYS B 34 5.49 -27.15 -16.03
N GLN B 35 6.49 -26.64 -16.76
CA GLN B 35 6.81 -27.14 -18.09
C GLN B 35 7.93 -28.17 -17.96
N GLY B 36 8.39 -28.37 -16.72
CA GLY B 36 9.47 -29.32 -16.47
C GLY B 36 10.75 -28.86 -17.12
N LYS B 37 11.02 -27.55 -17.04
CA LYS B 37 12.22 -26.97 -17.64
C LYS B 37 13.06 -26.25 -16.59
N ILE B 38 14.22 -25.76 -17.01
CA ILE B 38 15.13 -25.04 -16.12
C ILE B 38 14.70 -23.58 -15.97
N ARG B 39 15.15 -22.97 -14.88
CA ARG B 39 14.83 -21.57 -14.57
C ARG B 39 15.03 -20.65 -15.79
N ALA B 40 16.18 -20.78 -16.43
CA ALA B 40 16.53 -19.97 -17.60
C ALA B 40 15.43 -19.93 -18.66
N PHE B 41 14.68 -21.03 -18.76
CA PHE B 41 13.59 -21.09 -19.73
C PHE B 41 12.48 -20.12 -19.32
N GLY B 42 12.17 -20.11 -18.02
CA GLY B 42 11.13 -19.22 -17.52
C GLY B 42 11.53 -17.78 -17.76
N HIS B 43 12.80 -17.49 -17.52
CA HIS B 43 13.31 -16.14 -17.73
C HIS B 43 13.12 -15.69 -19.16
N LYS B 44 13.53 -16.53 -20.10
CA LYS B 44 13.41 -16.24 -21.52
C LYS B 44 11.96 -15.92 -21.87
N ALA B 45 11.03 -16.77 -21.42
CA ALA B 45 9.62 -16.58 -21.68
C ALA B 45 9.12 -15.31 -21.00
N GLY B 46 9.65 -15.03 -19.81
CA GLY B 46 9.26 -13.84 -19.09
C GLY B 46 9.66 -12.59 -19.87
N ALA B 47 10.83 -12.64 -20.48
CA ALA B 47 11.34 -11.51 -21.26
C ALA B 47 10.41 -11.21 -22.43
N LYS B 48 9.90 -12.26 -23.08
CA LYS B 48 8.99 -12.08 -24.21
C LYS B 48 7.70 -11.45 -23.69
N SER B 49 7.27 -11.87 -22.51
CA SER B 49 6.05 -11.33 -21.94
C SER B 49 6.22 -9.84 -21.65
N VAL B 50 7.42 -9.43 -21.28
CA VAL B 50 7.67 -8.02 -21.02
C VAL B 50 7.52 -7.22 -22.31
N ARG B 51 8.19 -7.68 -23.37
CA ARG B 51 8.13 -7.01 -24.66
C ARG B 51 6.68 -6.89 -25.12
N ARG B 52 5.90 -7.93 -24.88
CA ARG B 52 4.50 -7.96 -25.26
C ARG B 52 3.66 -6.96 -24.47
N ALA B 53 3.90 -6.85 -23.16
CA ALA B 53 3.13 -5.93 -22.31
C ALA B 53 3.45 -4.49 -22.66
N VAL B 54 4.72 -4.21 -22.92
CA VAL B 54 5.17 -2.87 -23.29
C VAL B 54 4.54 -2.47 -24.62
N SER B 55 4.56 -3.38 -25.60
CA SER B 55 3.98 -3.13 -26.91
C SER B 55 2.48 -2.84 -26.76
N PHE B 56 1.80 -3.67 -25.96
CA PHE B 56 0.38 -3.50 -25.72
C PHE B 56 0.08 -2.13 -25.10
N ALA B 57 0.85 -1.77 -24.07
CA ALA B 57 0.63 -0.48 -23.41
C ALA B 57 0.87 0.68 -24.37
N ALA B 58 1.97 0.60 -25.13
CA ALA B 58 2.34 1.64 -26.07
C ALA B 58 1.36 1.75 -27.24
N ASN B 59 0.63 0.69 -27.51
CA ASN B 59 -0.33 0.66 -28.60
C ASN B 59 -1.74 1.04 -28.17
N ASN B 60 -1.95 1.22 -26.87
CA ASN B 60 -3.28 1.54 -26.39
C ASN B 60 -3.42 2.81 -25.56
N GLY B 61 -2.60 3.81 -25.87
CA GLY B 61 -2.68 5.09 -25.19
C GLY B 61 -2.36 5.17 -23.71
N ILE B 62 -1.84 4.10 -23.12
CA ILE B 62 -1.49 4.13 -21.72
C ILE B 62 -0.33 5.13 -21.57
N GLU B 63 -0.48 6.06 -20.64
CA GLU B 63 0.54 7.08 -20.39
C GLU B 63 1.81 6.56 -19.75
N ALA B 64 1.67 5.69 -18.75
CA ALA B 64 2.83 5.15 -18.08
C ALA B 64 2.64 3.70 -17.68
N LEU B 65 3.74 2.94 -17.76
CA LEU B 65 3.76 1.54 -17.39
C LEU B 65 4.98 1.33 -16.51
N THR B 66 4.77 0.85 -15.30
CA THR B 66 5.86 0.62 -14.36
C THR B 66 5.99 -0.87 -14.12
N LEU B 67 7.17 -1.41 -14.39
CA LEU B 67 7.41 -2.83 -14.25
C LEU B 67 8.33 -3.19 -13.09
N TYR B 68 7.91 -4.19 -12.32
CA TYR B 68 8.67 -4.65 -11.18
C TYR B 68 8.78 -6.16 -11.24
N ALA B 69 10.01 -6.65 -11.31
CA ALA B 69 10.24 -8.08 -11.35
C ALA B 69 10.37 -8.60 -9.92
N PHE B 70 9.48 -9.51 -9.54
CA PHE B 70 9.54 -10.07 -8.20
C PHE B 70 10.40 -11.33 -8.18
N SER B 71 11.29 -11.41 -7.20
CA SER B 71 12.16 -12.56 -7.08
C SER B 71 11.86 -13.34 -5.81
N SER B 72 11.78 -14.66 -5.93
CA SER B 72 11.49 -15.54 -4.81
C SER B 72 12.42 -15.27 -3.62
N VAL B 82 25.91 -11.32 -6.94
CA VAL B 82 24.93 -10.90 -7.93
C VAL B 82 25.56 -9.83 -8.82
N SER B 83 26.51 -10.25 -9.64
CA SER B 83 27.22 -9.34 -10.54
C SER B 83 26.73 -9.52 -11.98
N ALA B 84 26.58 -10.77 -12.38
CA ALA B 84 26.13 -11.09 -13.74
C ALA B 84 24.81 -10.38 -14.04
N LEU B 85 24.01 -10.16 -13.00
CA LEU B 85 22.72 -9.49 -13.15
C LEU B 85 22.90 -8.20 -13.93
N MET B 86 23.90 -7.44 -13.54
CA MET B 86 24.20 -6.16 -14.15
C MET B 86 24.58 -6.25 -15.62
N GLU B 87 25.31 -7.30 -16.00
CA GLU B 87 25.70 -7.47 -17.39
C GLU B 87 24.46 -7.73 -18.24
N LEU B 88 23.49 -8.41 -17.65
CA LEU B 88 22.26 -8.70 -18.36
C LEU B 88 21.50 -7.39 -18.58
N PHE B 89 21.53 -6.53 -17.58
CA PHE B 89 20.86 -5.25 -17.64
C PHE B 89 21.45 -4.45 -18.79
N VAL B 90 22.78 -4.37 -18.83
CA VAL B 90 23.48 -3.65 -19.90
C VAL B 90 23.04 -4.17 -21.25
N TRP B 91 23.05 -5.49 -21.41
CA TRP B 91 22.66 -6.13 -22.66
C TRP B 91 21.23 -5.79 -23.06
N ALA B 92 20.32 -5.79 -22.10
CA ALA B 92 18.92 -5.48 -22.40
C ALA B 92 18.79 -4.03 -22.85
N LEU B 93 19.52 -3.14 -22.19
CA LEU B 93 19.49 -1.73 -22.56
C LEU B 93 20.08 -1.53 -23.96
N ASP B 94 21.23 -2.15 -24.21
CA ASP B 94 21.90 -2.02 -25.49
C ASP B 94 21.09 -2.54 -26.68
N SER B 95 20.29 -3.58 -26.46
CA SER B 95 19.53 -4.17 -27.54
C SER B 95 18.11 -3.64 -27.73
N GLU B 96 17.53 -3.06 -26.68
CA GLU B 96 16.16 -2.57 -26.75
C GLU B 96 15.92 -1.06 -26.82
N VAL B 97 16.84 -0.25 -26.30
CA VAL B 97 16.62 1.18 -26.29
C VAL B 97 16.39 1.86 -27.64
N LYS B 98 17.09 1.42 -28.69
CA LYS B 98 16.87 2.03 -29.99
C LYS B 98 15.44 1.77 -30.47
N SER B 99 14.89 0.61 -30.14
CA SER B 99 13.52 0.28 -30.54
C SER B 99 12.53 1.12 -29.72
N LEU B 100 12.81 1.27 -28.43
CA LEU B 100 11.95 2.06 -27.56
C LEU B 100 11.91 3.50 -28.07
N HIS B 101 13.09 4.02 -28.42
CA HIS B 101 13.20 5.39 -28.91
C HIS B 101 12.39 5.55 -30.19
N ARG B 102 12.52 4.57 -31.08
CA ARG B 102 11.79 4.59 -32.34
C ARG B 102 10.27 4.56 -32.11
N HIS B 103 9.84 3.90 -31.04
CA HIS B 103 8.42 3.82 -30.74
C HIS B 103 7.94 4.97 -29.86
N ASN B 104 8.78 5.98 -29.73
CA ASN B 104 8.42 7.18 -28.96
C ASN B 104 8.18 6.85 -27.49
N VAL B 105 8.91 5.88 -26.97
CA VAL B 105 8.80 5.48 -25.57
C VAL B 105 9.87 6.21 -24.77
N ARG B 106 9.48 6.71 -23.61
CA ARG B 106 10.42 7.40 -22.72
C ARG B 106 10.79 6.39 -21.63
N LEU B 107 12.08 6.06 -21.52
CA LEU B 107 12.54 5.09 -20.54
C LEU B 107 13.11 5.70 -19.25
N ARG B 108 12.71 5.14 -18.13
CA ARG B 108 13.18 5.60 -16.83
C ARG B 108 13.43 4.40 -15.93
N ILE B 109 14.51 4.46 -15.18
CA ILE B 109 14.82 3.39 -14.24
C ILE B 109 14.61 3.97 -12.85
N ILE B 110 13.80 3.30 -12.02
CA ILE B 110 13.55 3.77 -10.67
C ILE B 110 14.15 2.76 -9.70
N GLY B 111 14.74 3.26 -8.62
CA GLY B 111 15.37 2.37 -7.66
C GLY B 111 16.74 2.86 -7.30
N ASP B 112 17.42 2.13 -6.41
CA ASP B 112 18.75 2.52 -5.96
C ASP B 112 19.86 2.00 -6.88
N THR B 113 20.26 2.84 -7.83
CA THR B 113 21.29 2.47 -8.80
C THR B 113 22.68 2.99 -8.40
N SER B 114 22.81 3.46 -7.16
CA SER B 114 24.07 3.98 -6.67
C SER B 114 25.08 2.85 -6.44
N ARG B 115 24.57 1.64 -6.22
CA ARG B 115 25.44 0.49 -5.99
C ARG B 115 25.90 -0.16 -7.29
N PHE B 116 25.28 0.21 -8.40
CA PHE B 116 25.65 -0.36 -9.70
C PHE B 116 27.01 0.12 -10.16
N ASN B 117 27.72 -0.73 -10.90
CA ASN B 117 29.03 -0.35 -11.41
C ASN B 117 28.82 0.81 -12.36
N SER B 118 29.85 1.64 -12.52
CA SER B 118 29.80 2.81 -13.37
C SER B 118 29.34 2.57 -14.81
N ARG B 119 29.69 1.41 -15.36
CA ARG B 119 29.31 1.09 -16.73
C ARG B 119 27.78 0.98 -16.86
N LEU B 120 27.15 0.26 -15.95
CA LEU B 120 25.69 0.10 -15.99
C LEU B 120 24.99 1.43 -15.69
N GLN B 121 25.52 2.18 -14.70
CA GLN B 121 24.92 3.46 -14.37
C GLN B 121 24.98 4.39 -15.57
N GLU B 122 26.08 4.35 -16.31
CA GLU B 122 26.23 5.19 -17.49
C GLU B 122 25.29 4.74 -18.61
N ARG B 123 25.10 3.43 -18.75
CA ARG B 123 24.21 2.92 -19.78
C ARG B 123 22.78 3.37 -19.45
N ILE B 124 22.43 3.35 -18.18
CA ILE B 124 21.11 3.76 -17.72
C ILE B 124 20.91 5.25 -17.98
N ARG B 125 21.92 6.03 -17.63
CA ARG B 125 21.86 7.47 -17.83
C ARG B 125 21.74 7.82 -19.31
N LYS B 126 22.52 7.13 -20.14
CA LYS B 126 22.49 7.41 -21.59
C LYS B 126 21.16 6.97 -22.21
N SER B 127 20.62 5.86 -21.72
CA SER B 127 19.36 5.35 -22.22
C SER B 127 18.22 6.31 -21.89
N GLU B 128 18.23 6.86 -20.68
CA GLU B 128 17.19 7.82 -20.29
C GLU B 128 17.34 9.11 -21.09
N ALA B 129 18.58 9.59 -21.22
CA ALA B 129 18.86 10.82 -21.98
C ALA B 129 18.34 10.71 -23.39
N LEU B 130 18.70 9.64 -24.07
CA LEU B 130 18.28 9.40 -25.44
C LEU B 130 16.75 9.41 -25.66
N THR B 131 16.00 8.90 -24.70
CA THR B 131 14.55 8.82 -24.83
C THR B 131 13.77 9.87 -24.05
N ALA B 132 14.47 10.67 -23.23
CA ALA B 132 13.81 11.66 -22.39
C ALA B 132 12.84 12.59 -23.12
N GLY B 133 13.16 12.93 -24.35
CA GLY B 133 12.31 13.83 -25.12
C GLY B 133 11.10 13.18 -25.77
N ASN B 134 10.94 11.88 -25.63
CA ASN B 134 9.79 11.24 -26.25
C ASN B 134 8.51 11.63 -25.53
N THR B 135 7.41 11.62 -26.26
CA THR B 135 6.12 12.03 -25.73
C THR B 135 5.10 10.90 -25.64
N GLY B 136 5.52 9.69 -25.97
CA GLY B 136 4.61 8.56 -25.92
C GLY B 136 4.57 7.95 -24.54
N LEU B 137 4.52 6.63 -24.47
CA LEU B 137 4.49 5.92 -23.19
C LEU B 137 5.79 6.09 -22.38
N THR B 138 5.65 6.36 -21.09
CA THR B 138 6.82 6.43 -20.22
C THR B 138 6.89 5.05 -19.58
N LEU B 139 7.98 4.34 -19.83
CA LEU B 139 8.19 3.02 -19.28
C LEU B 139 9.15 3.11 -18.10
N ASN B 140 8.66 2.77 -16.91
CA ASN B 140 9.47 2.80 -15.70
C ASN B 140 9.87 1.40 -15.30
N ILE B 141 11.17 1.16 -15.24
CA ILE B 141 11.70 -0.14 -14.87
C ILE B 141 12.28 -0.01 -13.46
N ALA B 142 11.68 -0.72 -12.51
CA ALA B 142 12.14 -0.68 -11.12
C ALA B 142 13.33 -1.60 -10.97
N ALA B 143 14.51 -1.05 -10.69
CA ALA B 143 15.71 -1.84 -10.53
C ALA B 143 16.25 -1.63 -9.11
N ASN B 144 16.32 -2.70 -8.33
CA ASN B 144 16.78 -2.61 -6.95
C ASN B 144 15.94 -1.54 -6.27
N TYR B 145 14.64 -1.61 -6.54
CA TYR B 145 13.68 -0.66 -5.99
C TYR B 145 12.88 -1.23 -4.84
N GLY B 146 12.48 -0.36 -3.92
CA GLY B 146 11.67 -0.77 -2.79
C GLY B 146 10.78 0.40 -2.47
N GLY B 147 9.54 0.14 -2.08
CA GLY B 147 8.63 1.22 -1.74
C GLY B 147 9.08 2.05 -0.55
N ARG B 148 9.57 1.37 0.49
CA ARG B 148 10.05 2.06 1.69
C ARG B 148 11.32 2.86 1.38
N TRP B 149 12.20 2.29 0.56
CA TRP B 149 13.44 2.98 0.17
C TRP B 149 13.08 4.28 -0.52
N ASP B 150 12.14 4.18 -1.46
CA ASP B 150 11.65 5.30 -2.25
C ASP B 150 11.21 6.45 -1.33
N ILE B 151 10.37 6.13 -0.36
CA ILE B 151 9.91 7.12 0.60
C ILE B 151 11.10 7.72 1.36
N VAL B 152 11.97 6.85 1.87
CA VAL B 152 13.14 7.29 2.63
C VAL B 152 14.08 8.20 1.84
N GLN B 153 14.32 7.90 0.57
CA GLN B 153 15.21 8.74 -0.20
C GLN B 153 14.63 10.15 -0.30
N GLY B 154 13.30 10.24 -0.35
CA GLY B 154 12.66 11.54 -0.42
C GLY B 154 12.75 12.25 0.92
N VAL B 155 12.61 11.49 2.00
CA VAL B 155 12.70 12.04 3.35
C VAL B 155 14.09 12.64 3.56
N ARG B 156 15.11 11.95 3.07
CA ARG B 156 16.49 12.42 3.21
C ARG B 156 16.72 13.72 2.46
N GLN B 157 15.98 13.93 1.37
CA GLN B 157 16.09 15.16 0.58
C GLN B 157 15.46 16.31 1.39
N LEU B 158 14.39 16.02 2.09
CA LEU B 158 13.73 17.05 2.90
C LEU B 158 14.52 17.31 4.17
N ALA B 159 15.23 16.30 4.65
CA ALA B 159 16.04 16.42 5.85
C ALA B 159 17.23 17.34 5.57
N GLU B 160 17.74 17.28 4.35
CA GLU B 160 18.88 18.10 3.94
C GLU B 160 18.52 19.58 3.99
N LYS B 161 17.33 19.92 3.48
CA LYS B 161 16.89 21.31 3.46
C LYS B 161 16.55 21.81 4.86
N VAL B 162 16.24 20.89 5.77
CA VAL B 162 15.93 21.26 7.14
C VAL B 162 17.25 21.64 7.79
N GLN B 163 18.25 20.78 7.60
CA GLN B 163 19.59 21.01 8.14
C GLN B 163 20.14 22.34 7.64
N GLN B 164 19.83 22.67 6.39
CA GLN B 164 20.28 23.92 5.79
C GLN B 164 19.49 25.10 6.34
N GLY B 165 18.42 24.78 7.06
CA GLY B 165 17.59 25.82 7.66
C GLY B 165 16.64 26.45 6.67
N ASN B 166 16.45 25.81 5.51
CA ASN B 166 15.55 26.32 4.48
C ASN B 166 14.20 25.61 4.55
N LEU B 167 13.95 24.95 5.66
CA LEU B 167 12.70 24.22 5.83
C LEU B 167 12.47 23.89 7.29
N GLN B 168 11.25 24.16 7.77
CA GLN B 168 10.90 23.88 9.15
C GLN B 168 10.23 22.51 9.25
N PRO B 169 10.52 21.76 10.32
CA PRO B 169 9.95 20.43 10.55
C PRO B 169 8.43 20.35 10.41
N ASP B 170 7.72 21.27 11.06
CA ASP B 170 6.27 21.28 11.01
C ASP B 170 5.76 21.96 9.73
N GLN B 171 6.66 22.08 8.77
CA GLN B 171 6.36 22.71 7.48
C GLN B 171 6.23 21.62 6.41
N ILE B 172 6.68 20.42 6.75
CA ILE B 172 6.63 19.27 5.85
C ILE B 172 5.22 18.69 5.80
N ASP B 173 4.67 18.53 4.60
CA ASP B 173 3.33 17.98 4.44
C ASP B 173 3.29 16.93 3.32
N GLU B 174 2.11 16.34 3.08
CA GLU B 174 1.94 15.32 2.05
C GLU B 174 2.36 15.76 0.66
N GLU B 175 1.91 16.93 0.24
CA GLU B 175 2.23 17.47 -1.08
C GLU B 175 3.73 17.61 -1.27
N MET B 176 4.42 18.06 -0.22
CA MET B 176 5.86 18.24 -0.29
C MET B 176 6.58 16.90 -0.45
N LEU B 177 6.20 15.90 0.34
CA LEU B 177 6.85 14.60 0.24
C LEU B 177 6.53 13.94 -1.10
N ASN B 178 5.31 14.14 -1.57
CA ASN B 178 4.88 13.57 -2.84
C ASN B 178 5.79 14.04 -3.96
N GLN B 179 6.25 15.29 -3.85
CA GLN B 179 7.12 15.86 -4.87
C GLN B 179 8.54 15.30 -4.82
N HIS B 180 8.79 14.41 -3.87
CA HIS B 180 10.11 13.84 -3.74
C HIS B 180 10.17 12.31 -3.81
N VAL B 181 9.06 11.69 -4.19
CA VAL B 181 9.02 10.24 -4.34
C VAL B 181 9.10 9.96 -5.84
N CYS B 182 9.53 8.77 -6.20
CA CYS B 182 9.65 8.42 -7.62
C CYS B 182 8.35 8.61 -8.39
N MET B 183 8.51 8.99 -9.66
CA MET B 183 7.42 9.20 -10.59
C MET B 183 6.45 10.31 -10.25
N HIS B 184 6.84 11.21 -9.36
CA HIS B 184 5.93 12.29 -8.98
C HIS B 184 5.58 13.20 -10.16
N GLU B 185 6.34 13.12 -11.24
CA GLU B 185 6.07 13.97 -12.40
C GLU B 185 5.13 13.30 -13.39
N LEU B 186 4.76 12.06 -13.11
CA LEU B 186 3.85 11.33 -14.00
C LEU B 186 2.45 11.25 -13.41
N ALA B 187 1.52 10.79 -14.23
CA ALA B 187 0.14 10.61 -13.78
C ALA B 187 0.17 9.63 -12.61
N PRO B 188 -0.80 9.73 -11.70
CA PRO B 188 -0.87 8.83 -10.55
C PRO B 188 -1.13 7.38 -10.98
N VAL B 189 -0.57 6.42 -10.24
CA VAL B 189 -0.78 5.02 -10.56
C VAL B 189 -2.28 4.71 -10.38
N ASP B 190 -2.91 4.22 -11.44
CA ASP B 190 -4.35 3.90 -11.41
C ASP B 190 -4.64 2.44 -11.12
N LEU B 191 -3.76 1.59 -11.62
CA LEU B 191 -3.95 0.16 -11.49
C LEU B 191 -2.65 -0.59 -11.22
N VAL B 192 -2.70 -1.49 -10.25
CA VAL B 192 -1.56 -2.32 -9.91
C VAL B 192 -1.99 -3.74 -10.23
N ILE B 193 -1.23 -4.39 -11.11
CA ILE B 193 -1.53 -5.76 -11.48
C ILE B 193 -0.43 -6.67 -10.92
N ARG B 194 -0.81 -7.75 -10.26
CA ARG B 194 0.20 -8.69 -9.79
C ARG B 194 -0.15 -10.07 -10.29
N THR B 195 0.75 -10.64 -11.09
CA THR B 195 0.58 -11.97 -11.65
C THR B 195 1.26 -12.99 -10.75
N GLY B 196 0.99 -14.27 -10.98
CA GLY B 196 1.62 -15.30 -10.18
C GLY B 196 0.83 -15.83 -9.00
N GLY B 197 -0.32 -15.22 -8.70
CA GLY B 197 -1.14 -15.71 -7.60
C GLY B 197 -0.91 -15.19 -6.19
N GLU B 198 0.21 -14.52 -5.95
CA GLU B 198 0.48 -13.97 -4.62
C GLU B 198 -0.32 -12.67 -4.43
N HIS B 199 -0.90 -12.48 -3.24
CA HIS B 199 -1.72 -11.29 -2.97
C HIS B 199 -1.05 -10.27 -2.05
N ARG B 200 0.11 -9.78 -2.46
CA ARG B 200 0.86 -8.81 -1.67
C ARG B 200 1.50 -7.77 -2.57
N ILE B 201 1.88 -6.63 -2.00
CA ILE B 201 2.55 -5.56 -2.74
C ILE B 201 4.07 -5.81 -2.71
N SER B 202 4.49 -6.63 -1.75
CA SER B 202 5.90 -6.99 -1.56
C SER B 202 6.88 -5.83 -1.63
N ASN B 203 6.56 -4.74 -0.95
CA ASN B 203 7.41 -3.55 -0.89
C ASN B 203 7.69 -2.94 -2.25
N PHE B 204 6.71 -3.01 -3.14
CA PHE B 204 6.83 -2.39 -4.45
C PHE B 204 6.33 -0.98 -4.13
N LEU B 205 5.56 -0.35 -5.00
CA LEU B 205 5.08 1.00 -4.72
C LEU B 205 4.17 1.03 -3.49
N LEU B 206 4.38 1.99 -2.58
CA LEU B 206 3.53 2.08 -1.39
C LEU B 206 2.83 3.46 -1.33
N TRP B 207 3.61 4.53 -1.35
CA TRP B 207 3.05 5.88 -1.32
C TRP B 207 2.19 6.14 -2.57
N GLN B 208 2.68 5.70 -3.72
CA GLN B 208 2.00 5.91 -4.99
C GLN B 208 0.72 5.11 -5.21
N ILE B 209 0.49 4.06 -4.42
CA ILE B 209 -0.69 3.24 -4.62
C ILE B 209 -1.83 3.49 -3.64
N ALA B 210 -1.76 4.60 -2.93
CA ALA B 210 -2.78 4.96 -1.95
C ALA B 210 -4.21 4.88 -2.47
N TYR B 211 -4.41 5.23 -3.74
CA TYR B 211 -5.76 5.23 -4.32
C TYR B 211 -5.92 4.34 -5.54
N ALA B 212 -4.89 3.56 -5.84
CA ALA B 212 -4.93 2.68 -7.00
C ALA B 212 -5.80 1.44 -6.85
N GLU B 213 -6.29 0.95 -7.97
CA GLU B 213 -7.11 -0.25 -8.03
C GLU B 213 -6.08 -1.37 -7.97
N LEU B 214 -6.34 -2.41 -7.19
CA LEU B 214 -5.40 -3.53 -7.09
C LEU B 214 -6.01 -4.76 -7.75
N TYR B 215 -5.28 -5.33 -8.69
CA TYR B 215 -5.76 -6.49 -9.46
C TYR B 215 -4.82 -7.68 -9.40
N PHE B 216 -5.31 -8.77 -8.84
CA PHE B 216 -4.53 -10.00 -8.68
C PHE B 216 -5.01 -11.11 -9.60
N THR B 217 -4.07 -11.75 -10.29
CA THR B 217 -4.41 -12.85 -11.18
C THR B 217 -3.45 -14.01 -10.92
N ASP B 218 -3.96 -15.23 -11.04
CA ASP B 218 -3.13 -16.41 -10.83
C ASP B 218 -2.29 -16.72 -12.07
N VAL B 219 -2.59 -16.04 -13.17
CA VAL B 219 -1.84 -16.25 -14.40
C VAL B 219 -0.37 -16.00 -14.14
N LEU B 220 0.49 -16.90 -14.62
CA LEU B 220 1.92 -16.75 -14.44
C LEU B 220 2.43 -15.72 -15.45
N TRP B 221 3.42 -14.93 -15.06
CA TRP B 221 3.91 -13.88 -15.94
C TRP B 221 4.18 -14.29 -17.39
N PRO B 222 4.85 -15.44 -17.62
CA PRO B 222 5.09 -15.82 -19.02
C PRO B 222 3.82 -15.97 -19.84
N ASP B 223 2.71 -16.33 -19.18
CA ASP B 223 1.42 -16.51 -19.84
C ASP B 223 0.57 -15.24 -19.91
N PHE B 224 0.96 -14.19 -19.18
CA PHE B 224 0.20 -12.95 -19.17
C PHE B 224 0.29 -12.30 -20.54
N ASP B 225 -0.81 -12.31 -21.29
CA ASP B 225 -0.81 -11.74 -22.63
C ASP B 225 -1.74 -10.55 -22.80
N GLU B 226 -2.00 -10.19 -24.05
CA GLU B 226 -2.87 -9.05 -24.34
C GLU B 226 -4.27 -9.23 -23.79
N GLN B 227 -4.80 -10.44 -23.86
CA GLN B 227 -6.15 -10.70 -23.36
C GLN B 227 -6.20 -10.51 -21.84
N ASP B 228 -5.18 -10.99 -21.14
CA ASP B 228 -5.14 -10.86 -19.68
C ASP B 228 -5.02 -9.39 -19.29
N PHE B 229 -4.22 -8.65 -20.05
CA PHE B 229 -4.00 -7.22 -19.79
C PHE B 229 -5.31 -6.46 -19.99
N GLU B 230 -5.98 -6.70 -21.12
CA GLU B 230 -7.25 -6.03 -21.39
C GLU B 230 -8.27 -6.38 -20.30
N GLY B 231 -8.26 -7.63 -19.86
CA GLY B 231 -9.18 -8.05 -18.82
C GLY B 231 -9.01 -7.20 -17.58
N ALA B 232 -7.76 -6.90 -17.23
CA ALA B 232 -7.47 -6.07 -16.06
C ALA B 232 -7.99 -4.66 -16.33
N LEU B 233 -7.78 -4.18 -17.55
CA LEU B 233 -8.25 -2.85 -17.92
C LEU B 233 -9.77 -2.78 -17.88
N ASN B 234 -10.43 -3.87 -18.27
CA ASN B 234 -11.89 -3.90 -18.25
C ASN B 234 -12.33 -3.87 -16.80
N ALA B 235 -11.68 -4.70 -15.99
CA ALA B 235 -12.00 -4.75 -14.56
C ALA B 235 -11.84 -3.35 -13.98
N PHE B 236 -10.79 -2.65 -14.39
CA PHE B 236 -10.54 -1.30 -13.91
C PHE B 236 -11.70 -0.37 -14.29
N ALA B 237 -12.10 -0.42 -15.56
CA ALA B 237 -13.18 0.43 -16.05
C ALA B 237 -14.49 0.19 -15.30
N ASN B 238 -14.88 -1.07 -15.16
CA ASN B 238 -16.11 -1.40 -14.45
C ASN B 238 -16.05 -0.92 -13.01
N ARG B 239 -14.91 -1.17 -12.36
CA ARG B 239 -14.74 -0.77 -10.98
C ARG B 239 -14.64 0.75 -10.83
N GLU B 240 -14.37 1.45 -11.92
CA GLU B 240 -14.31 2.90 -11.87
C GLU B 240 -15.75 3.41 -11.85
N ARG B 241 -16.59 2.82 -12.70
CA ARG B 241 -18.00 3.19 -12.77
C ARG B 241 -18.61 2.94 -11.39
N ARG B 242 -18.21 1.84 -10.77
CA ARG B 242 -18.67 1.50 -9.43
C ARG B 242 -17.65 2.12 -8.48
N PHE B 243 -18.03 2.37 -7.24
CA PHE B 243 -17.10 2.93 -6.27
C PHE B 243 -16.55 4.31 -6.65
N GLY B 244 -16.53 4.63 -7.93
CA GLY B 244 -16.03 5.92 -8.36
C GLY B 244 -14.60 5.94 -8.87
OAC H78 C . -20.03 6.05 4.52
PCC H78 C . -21.24 5.29 5.26
OAD H78 C . -22.58 5.30 4.36
OAE H78 C . -21.54 6.17 6.56
CCA H78 C . -20.56 3.86 6.19
PCD H78 C . -20.30 2.91 4.69
OAG H78 C . -21.68 2.84 3.90
OAH H78 C . -19.11 3.50 3.78
OAF H78 C . -19.93 1.42 5.15
OAA H78 C . -21.60 3.25 7.02
CBM H78 C . -19.48 4.25 7.09
CBQ H78 C . -18.94 3.26 7.92
CBH H78 C . -19.32 3.17 9.31
CAX H78 C . -17.99 2.31 7.38
CAS H78 C . -17.42 1.28 8.20
CBB H78 C . -17.81 1.20 9.57
CBU H78 C . -18.74 2.13 10.15
CBW H78 C . -18.97 2.03 11.51
CBJ H78 C . -18.06 1.81 12.60
CBD H78 C . -20.38 2.23 11.78
CAU H78 C . -20.87 2.20 13.12
CAZ H78 C . -19.95 1.97 14.20
CBS H78 C . -18.55 1.78 13.95
NBO H78 C . -17.60 1.54 14.92
SCG H78 C . -16.24 2.71 15.02
OAO H78 C . -15.40 2.29 13.98
OAP H78 C . -15.51 2.46 16.24
CBY H78 C . -16.68 4.40 14.73
CBL H78 C . -16.20 5.16 13.60
CBF H78 C . -17.56 5.00 15.69
CAW H78 C . -17.98 6.36 15.55
CBG H78 C . -17.50 7.11 14.44
CBZ H78 C . -16.62 6.54 13.45
SCH H78 C . -16.07 7.41 12.17
OAQ H78 C . -16.22 8.91 12.42
OAR H78 C . -14.59 7.03 12.03
NBP H78 C . -16.90 6.91 10.83
CBT H78 C . -18.11 7.21 10.33
CBK H78 C . -19.29 7.13 11.13
CBA H78 C . -18.21 7.64 8.96
CAV H78 C . -19.48 7.97 8.37
CBE H78 C . -20.65 7.88 9.18
CBX H78 C . -20.56 7.45 10.56
CBV H78 C . -21.59 7.32 11.44
CBI H78 C . -22.70 8.23 11.42
CBC H78 C . -21.60 6.20 12.36
CAT H78 C . -22.71 6.00 13.26
CAY H78 C . -23.81 6.93 13.22
CBR H78 C . -23.80 8.04 12.30
CBN H78 C . -24.89 8.96 12.24
CCB H78 C . -25.84 9.13 11.73
PCE H78 C . -27.25 8.16 12.21
OAJ H78 C . -28.00 8.51 13.57
OAK H78 C . -28.28 8.11 10.99
OAI H78 C . -26.73 6.66 12.33
PCF H78 C . -26.92 10.53 12.00
OAM H78 C . -26.28 11.70 11.15
OAN H78 C . -28.48 10.69 11.68
OAL H78 C . -26.70 10.99 13.53
OAB H78 C . -25.57 8.95 10.30
#